data_7QA0
#
_entry.id   7QA0
#
_cell.length_a   109.131
_cell.length_b   119.824
_cell.length_c   114.033
_cell.angle_alpha   90.000
_cell.angle_beta   90.000
_cell.angle_gamma   90.000
#
_symmetry.space_group_name_H-M   'C 2 2 21'
#
loop_
_entity.id
_entity.type
_entity.pdbx_description
1 polymer 'Multiple virulence factor regulator MvfR'
2 non-polymer ~{N}-[[2-(3-chloranyl-4-propan-2-yloxy-phenyl)-1,3-thiazol-5-yl]methyl]-2-(trifluoromethyl)pyridin-4-amine
3 water water
#
_entity_poly.entity_id   1
_entity_poly.type   'polypeptide(L)'
_entity_poly.pdbx_seq_one_letter_code
;MPIHNLNHVNMFLQVIASGSISSAARILRKSHTAVSSAVSNLEIDLCVELVRRDGYKVEPTEQALRLIPYMRSLLNYQQL
IGDIAFNLNKGPRNLRVLLDTAIPPSFCDTVSSVLLDDFNMVSLIRTSPADSLATIKQDNAEIDIAITIDEELKISRFNQ
CVLGYTKAFVVAHPQHPLCNASLHSIASLANYRQISLGSRSGQHSNLLRPVSDKVLFVENFDDMLRLVEAGVGWGIAPHY
FVEERLRNGTLAVLSELYEPGGIDTKVYCYYNTALESERSFLRFLESARQRLRELGRQRFDDAPAWQPSIVETAQRRSGP
KALAYRQRAAPE
;
_entity_poly.pdbx_strand_id   A,B
#
# COMPACT_ATOMS: atom_id res chain seq x y z
N ARG A 93 -8.11 12.29 -27.77
CA ARG A 93 -7.21 11.14 -27.83
C ARG A 93 -5.82 11.50 -28.34
N ASN A 94 -5.44 12.78 -28.22
CA ASN A 94 -4.07 13.23 -28.43
C ASN A 94 -3.48 13.28 -27.03
N LEU A 95 -2.64 12.31 -26.68
CA LEU A 95 -2.37 12.02 -25.28
C LEU A 95 -0.96 12.41 -24.85
N ARG A 96 -0.90 12.98 -23.65
CA ARG A 96 0.34 13.19 -22.90
C ARG A 96 0.28 12.32 -21.65
N VAL A 97 1.33 11.54 -21.42
CA VAL A 97 1.34 10.49 -20.42
C VAL A 97 2.62 10.63 -19.61
N LEU A 98 2.54 10.43 -18.30
CA LEU A 98 3.68 10.55 -17.40
C LEU A 98 3.94 9.22 -16.72
N LEU A 99 5.21 8.89 -16.54
CA LEU A 99 5.63 7.75 -15.73
C LEU A 99 6.86 8.11 -14.91
N ASP A 100 6.90 7.63 -13.68
CA ASP A 100 8.01 7.94 -12.79
C ASP A 100 9.13 6.92 -12.95
N THR A 101 10.28 7.26 -12.35
CA THR A 101 11.48 6.45 -12.46
C THR A 101 11.43 5.16 -11.64
N ALA A 102 10.44 5.00 -10.76
CA ALA A 102 10.27 3.73 -10.06
C ALA A 102 9.49 2.70 -10.89
N ILE A 103 8.87 3.14 -11.99
CA ILE A 103 8.15 2.26 -12.89
C ILE A 103 9.17 1.43 -13.67
N PRO A 104 9.20 0.13 -13.51
CA PRO A 104 10.16 -0.71 -14.26
C PRO A 104 10.06 -0.44 -15.74
N PRO A 105 11.14 -0.53 -16.49
CA PRO A 105 11.02 -0.24 -17.95
C PRO A 105 10.04 -1.18 -18.62
N SER A 106 10.04 -2.45 -18.21
CA SER A 106 9.04 -3.39 -18.73
C SER A 106 7.63 -2.85 -18.48
N PHE A 107 7.40 -2.25 -17.31
CA PHE A 107 6.10 -1.65 -16.99
C PHE A 107 5.75 -0.53 -17.95
N CYS A 108 6.66 0.45 -18.13
CA CYS A 108 6.33 1.58 -18.99
C CYS A 108 6.07 1.12 -20.42
N ASP A 109 6.87 0.17 -20.92
CA ASP A 109 6.72 -0.34 -22.28
C ASP A 109 5.40 -1.09 -22.39
N THR A 110 5.08 -1.92 -21.39
CA THR A 110 3.79 -2.60 -21.37
C THR A 110 2.66 -1.57 -21.48
N VAL A 111 2.80 -0.42 -20.82
CA VAL A 111 1.77 0.60 -20.90
C VAL A 111 1.74 1.21 -22.31
N SER A 112 2.89 1.71 -22.77
CA SER A 112 3.03 2.35 -24.07
C SER A 112 2.36 1.55 -25.18
N SER A 113 2.72 0.26 -25.30
CA SER A 113 2.17 -0.53 -26.38
C SER A 113 0.65 -0.45 -26.38
N VAL A 114 0.05 -0.63 -25.20
CA VAL A 114 -1.40 -0.61 -25.07
C VAL A 114 -1.94 0.77 -25.46
N LEU A 115 -1.32 1.82 -24.92
CA LEU A 115 -1.78 3.16 -25.21
C LEU A 115 -1.84 3.41 -26.71
N LEU A 116 -0.78 3.05 -27.43
CA LEU A 116 -0.76 3.26 -28.87
C LEU A 116 -1.76 2.33 -29.57
N ASP A 117 -2.08 1.18 -28.97
CA ASP A 117 -3.10 0.30 -29.54
C ASP A 117 -4.48 0.93 -29.46
N ASP A 118 -4.74 1.77 -28.45
CA ASP A 118 -6.09 2.30 -28.25
C ASP A 118 -6.21 3.83 -28.33
N PHE A 119 -5.09 4.56 -28.34
CA PHE A 119 -5.04 5.98 -28.70
C PHE A 119 -3.94 6.07 -29.74
N ASN A 120 -4.15 6.81 -30.82
CA ASN A 120 -3.13 6.79 -31.87
C ASN A 120 -2.05 7.85 -31.74
N MET A 121 -2.18 8.81 -30.82
CA MET A 121 -1.12 9.76 -30.54
C MET A 121 -0.78 9.67 -29.06
N VAL A 122 0.45 9.24 -28.76
CA VAL A 122 0.90 9.08 -27.38
C VAL A 122 2.29 9.71 -27.21
N SER A 123 2.38 10.70 -26.34
CA SER A 123 3.63 11.35 -25.97
C SER A 123 3.97 10.97 -24.54
N LEU A 124 5.18 10.49 -24.31
CA LEU A 124 5.61 9.97 -23.01
C LEU A 124 6.55 10.95 -22.31
N ILE A 125 6.35 11.11 -21.01
CA ILE A 125 7.13 12.00 -20.16
C ILE A 125 7.57 11.20 -18.94
N ARG A 126 8.79 11.45 -18.48
CA ARG A 126 9.36 10.76 -17.32
C ARG A 126 9.75 11.75 -16.23
N THR A 127 9.39 11.41 -14.98
CA THR A 127 9.88 12.23 -13.86
C THR A 127 10.06 11.38 -12.61
N SER A 128 10.96 11.80 -11.71
CA SER A 128 11.08 11.09 -10.43
C SER A 128 9.82 11.33 -9.59
N PRO A 129 9.33 10.30 -8.89
CA PRO A 129 8.00 10.42 -8.26
C PRO A 129 7.79 11.67 -7.43
N ALA A 130 8.83 12.22 -6.81
CA ALA A 130 8.65 13.40 -5.97
C ALA A 130 8.02 14.53 -6.76
N ASP A 131 8.50 14.77 -7.98
CA ASP A 131 7.97 15.80 -8.85
C ASP A 131 6.79 15.32 -9.70
N SER A 132 6.38 14.06 -9.58
CA SER A 132 5.35 13.54 -10.47
C SER A 132 4.02 14.27 -10.26
N LEU A 133 3.45 14.15 -9.05
CA LEU A 133 2.14 14.74 -8.81
C LEU A 133 2.14 16.24 -9.04
N ALA A 134 3.24 16.93 -8.71
CA ALA A 134 3.31 18.36 -8.96
C ALA A 134 3.19 18.66 -10.44
N THR A 135 3.88 17.87 -11.28
CA THR A 135 3.90 18.16 -12.71
C THR A 135 2.50 18.13 -13.30
N ILE A 136 1.74 17.08 -13.00
CA ILE A 136 0.40 16.99 -13.58
C ILE A 136 -0.47 18.13 -13.04
N LYS A 137 -0.19 18.59 -11.82
CA LYS A 137 -1.03 19.64 -11.24
C LYS A 137 -0.84 20.96 -11.98
N GLN A 138 0.40 21.33 -12.28
CA GLN A 138 0.65 22.49 -13.13
C GLN A 138 -0.12 22.32 -14.42
N ASP A 139 -1.16 23.13 -14.63
CA ASP A 139 -1.99 22.99 -15.83
C ASP A 139 -1.25 23.35 -17.11
N ASN A 140 -0.11 24.04 -17.00
CA ASN A 140 0.67 24.41 -18.18
C ASN A 140 1.33 23.21 -18.86
N ALA A 141 1.22 22.01 -18.29
CA ALA A 141 1.82 20.80 -18.84
C ALA A 141 0.87 19.95 -19.68
N GLU A 142 -0.43 19.98 -19.38
CA GLU A 142 -1.43 19.23 -20.15
C GLU A 142 -1.12 17.73 -20.15
N ILE A 143 -0.95 17.16 -18.96
CA ILE A 143 -0.78 15.72 -18.81
C ILE A 143 -2.17 15.12 -18.63
N ASP A 144 -2.52 14.17 -19.51
CA ASP A 144 -3.83 13.56 -19.48
C ASP A 144 -3.85 12.27 -18.65
N ILE A 145 -2.75 11.53 -18.65
CA ILE A 145 -2.63 10.28 -17.89
C ILE A 145 -1.27 10.27 -17.20
N ALA A 146 -1.23 9.87 -15.94
CA ALA A 146 0.02 9.79 -15.20
C ALA A 146 0.06 8.50 -14.39
N ILE A 147 1.19 7.80 -14.46
CA ILE A 147 1.38 6.52 -13.80
C ILE A 147 2.53 6.70 -12.81
N THR A 148 2.20 6.80 -11.53
CA THR A 148 3.20 7.04 -10.50
C THR A 148 2.79 6.33 -9.21
N ILE A 149 3.65 6.45 -8.20
CA ILE A 149 3.41 5.80 -6.92
C ILE A 149 3.01 6.78 -5.81
N ASP A 150 3.29 8.08 -5.96
CA ASP A 150 2.85 9.09 -5.00
C ASP A 150 1.35 9.30 -5.12
N GLU A 151 0.67 9.42 -3.98
CA GLU A 151 -0.78 9.54 -3.94
C GLU A 151 -1.21 10.82 -3.21
N GLU A 152 -2.25 11.44 -3.74
CA GLU A 152 -2.96 12.54 -3.09
C GLU A 152 -4.40 12.43 -3.59
N LEU A 153 -5.33 12.13 -2.67
CA LEU A 153 -6.72 11.96 -3.06
C LEU A 153 -7.44 13.28 -3.34
N LYS A 154 -6.81 14.42 -3.02
CA LYS A 154 -7.37 15.73 -3.31
C LYS A 154 -6.83 16.30 -4.62
N ILE A 155 -6.48 15.44 -5.56
CA ILE A 155 -5.99 15.91 -6.85
C ILE A 155 -7.17 16.46 -7.65
N SER A 156 -7.10 17.74 -7.99
CA SER A 156 -8.14 18.38 -8.78
C SER A 156 -8.08 17.93 -10.23
N ARG A 157 -9.25 17.84 -10.87
CA ARG A 157 -9.40 17.59 -12.30
C ARG A 157 -8.91 16.20 -12.71
N PHE A 158 -8.57 15.34 -11.76
CA PHE A 158 -8.05 14.02 -12.05
C PHE A 158 -8.74 12.99 -11.16
N ASN A 159 -9.07 11.83 -11.74
CA ASN A 159 -9.54 10.68 -11.00
C ASN A 159 -8.48 9.59 -10.94
N GLN A 160 -8.76 8.57 -10.14
CA GLN A 160 -7.75 7.62 -9.71
C GLN A 160 -8.15 6.16 -9.92
N CYS A 161 -7.12 5.34 -10.14
CA CYS A 161 -7.29 3.89 -10.12
C CYS A 161 -5.92 3.27 -9.90
N VAL A 162 -5.91 1.99 -9.54
CA VAL A 162 -4.66 1.24 -9.35
C VAL A 162 -4.41 0.43 -10.61
N LEU A 163 -3.18 0.51 -11.15
CA LEU A 163 -2.81 -0.22 -12.36
C LEU A 163 -1.99 -1.45 -12.09
N GLY A 164 -1.50 -1.63 -10.87
CA GLY A 164 -0.64 -2.74 -10.52
C GLY A 164 0.31 -2.34 -9.41
N TYR A 165 1.43 -3.07 -9.32
CA TYR A 165 2.36 -2.90 -8.22
C TYR A 165 3.80 -2.98 -8.71
N THR A 166 4.69 -2.38 -7.94
CA THR A 166 6.13 -2.43 -8.17
C THR A 166 6.82 -2.62 -6.82
N LYS A 167 8.10 -2.97 -6.84
CA LYS A 167 8.83 -3.31 -5.63
C LYS A 167 10.00 -2.36 -5.43
N ALA A 168 10.39 -2.18 -4.17
CA ALA A 168 11.45 -1.25 -3.80
C ALA A 168 12.22 -1.81 -2.61
N PHE A 169 13.48 -1.41 -2.51
CA PHE A 169 14.38 -1.92 -1.49
C PHE A 169 15.06 -0.79 -0.73
N VAL A 170 15.23 -1.01 0.57
CA VAL A 170 16.16 -0.21 1.36
C VAL A 170 17.55 -0.79 1.09
N VAL A 171 18.39 -0.02 0.39
CA VAL A 171 19.72 -0.46 0.02
C VAL A 171 20.74 0.42 0.74
N ALA A 172 21.94 -0.12 0.89
CA ALA A 172 23.04 0.53 1.59
C ALA A 172 24.33 -0.22 1.31
N HIS A 173 25.44 0.50 1.46
CA HIS A 173 26.76 -0.06 1.20
C HIS A 173 26.98 -1.33 2.03
N PRO A 174 27.65 -2.34 1.47
CA PRO A 174 27.82 -3.60 2.21
C PRO A 174 28.51 -3.45 3.56
N GLN A 175 29.42 -2.48 3.73
CA GLN A 175 30.12 -2.30 5.00
C GLN A 175 29.51 -1.20 5.86
N HIS A 176 28.29 -0.78 5.55
CA HIS A 176 27.58 0.22 6.33
C HIS A 176 27.25 -0.36 7.72
N PRO A 177 27.31 0.46 8.78
CA PRO A 177 27.00 -0.05 10.12
C PRO A 177 25.79 -0.95 10.21
N LEU A 178 24.64 -0.46 9.72
CA LEU A 178 23.42 -1.25 9.80
C LEU A 178 23.58 -2.61 9.12
N CYS A 179 24.19 -2.62 7.94
CA CYS A 179 24.35 -3.86 7.19
C CYS A 179 24.95 -4.95 8.08
N ASN A 180 25.96 -4.61 8.87
CA ASN A 180 26.53 -5.58 9.79
C ASN A 180 25.48 -6.07 10.78
N ALA A 181 24.82 -5.15 11.48
CA ALA A 181 23.73 -5.52 12.38
C ALA A 181 22.61 -6.19 11.61
N SER A 182 22.24 -7.40 12.03
CA SER A 182 21.20 -8.14 11.33
C SER A 182 19.77 -7.72 11.69
N LEU A 183 19.56 -7.05 12.82
CA LEU A 183 18.21 -6.64 13.21
C LEU A 183 18.04 -5.18 12.81
N HIS A 184 17.35 -4.97 11.69
CA HIS A 184 17.07 -3.64 11.15
C HIS A 184 15.62 -3.31 11.45
N SER A 185 15.37 -2.06 11.83
CA SER A 185 14.04 -1.63 12.23
C SER A 185 13.86 -0.17 11.84
N ILE A 186 12.59 0.25 11.80
CA ILE A 186 12.27 1.59 11.34
C ILE A 186 12.91 2.65 12.24
N ALA A 187 13.11 2.33 13.52
CA ALA A 187 13.86 3.22 14.40
C ALA A 187 15.36 3.14 14.17
N SER A 188 15.87 1.94 13.90
CA SER A 188 17.32 1.75 13.77
C SER A 188 17.90 2.57 12.63
N LEU A 189 17.11 2.84 11.59
CA LEU A 189 17.57 3.64 10.46
C LEU A 189 17.41 5.15 10.68
N ALA A 190 16.59 5.55 11.66
CA ALA A 190 16.39 6.97 11.92
C ALA A 190 17.65 7.65 12.42
N ASN A 191 18.62 6.86 12.91
CA ASN A 191 19.88 7.41 13.40
C ASN A 191 20.86 7.69 12.26
N TYR A 192 20.99 6.76 11.34
CA TYR A 192 21.91 6.88 10.21
C TYR A 192 21.28 7.70 9.09
N ARG A 193 22.14 8.27 8.25
CA ARG A 193 21.68 9.26 7.29
C ARG A 193 21.00 8.60 6.10
N GLN A 194 19.96 9.26 5.57
CA GLN A 194 19.19 8.77 4.45
C GLN A 194 19.47 9.65 3.25
N ILE A 195 19.91 9.04 2.16
CA ILE A 195 19.90 9.69 0.86
C ILE A 195 18.48 9.53 0.34
N SER A 196 17.82 10.65 0.04
CA SER A 196 16.41 10.58 -0.35
C SER A 196 16.17 11.40 -1.60
N LEU A 197 15.09 11.06 -2.31
CA LEU A 197 14.69 11.75 -3.53
C LEU A 197 13.80 12.95 -3.21
N GLY A 198 13.79 13.90 -4.13
CA GLY A 198 12.97 15.08 -4.02
C GLY A 198 13.76 16.28 -3.53
N SER A 199 13.02 17.34 -3.20
CA SER A 199 13.61 18.58 -2.71
C SER A 199 12.89 19.02 -1.44
N ARG A 200 13.67 19.60 -0.51
CA ARG A 200 13.07 20.24 0.66
C ARG A 200 12.04 21.28 0.22
N SER A 201 12.20 21.79 -1.00
CA SER A 201 11.31 22.76 -1.61
C SER A 201 10.12 22.02 -2.24
N GLY A 202 9.26 21.52 -1.36
CA GLY A 202 8.06 20.83 -1.80
C GLY A 202 7.35 20.09 -0.68
N GLN A 203 6.04 19.91 -0.84
CA GLN A 203 5.23 19.17 0.12
C GLN A 203 5.61 17.70 0.06
N HIS A 204 6.49 17.28 0.96
CA HIS A 204 6.86 15.87 1.04
C HIS A 204 5.66 15.01 1.38
N SER A 205 5.10 14.30 0.40
CA SER A 205 4.08 13.31 0.70
C SER A 205 4.63 12.28 1.67
N ASN A 206 3.72 11.64 2.42
CA ASN A 206 4.14 10.55 3.30
C ASN A 206 5.01 9.56 2.53
N LEU A 207 4.62 9.25 1.29
CA LEU A 207 5.29 8.16 0.56
C LEU A 207 6.77 8.49 0.32
N LEU A 208 7.08 9.72 -0.08
CA LEU A 208 8.45 10.14 -0.35
C LEU A 208 9.02 11.00 0.77
N ARG A 209 8.33 11.07 1.91
CA ARG A 209 8.84 11.82 3.04
C ARG A 209 10.07 11.11 3.60
N PRO A 210 11.10 11.86 4.02
CA PRO A 210 12.22 11.23 4.72
C PRO A 210 11.78 10.70 6.07
N VAL A 211 12.24 9.49 6.39
CA VAL A 211 11.87 8.84 7.66
C VAL A 211 12.86 9.15 8.77
N SER A 212 14.03 9.71 8.44
CA SER A 212 15.13 9.92 9.37
C SER A 212 15.42 11.41 9.45
N ASP A 213 15.97 11.83 10.60
CA ASP A 213 16.23 13.26 10.79
C ASP A 213 17.47 13.75 10.05
N LYS A 214 18.44 12.87 9.80
CA LYS A 214 19.68 13.23 9.12
C LYS A 214 19.55 12.76 7.68
N VAL A 215 19.43 13.72 6.75
CA VAL A 215 19.08 13.42 5.36
C VAL A 215 19.94 14.23 4.40
N LEU A 216 19.96 13.76 3.16
CA LEU A 216 20.60 14.46 2.05
C LEU A 216 19.74 14.20 0.83
N PHE A 217 19.21 15.27 0.23
CA PHE A 217 18.31 15.13 -0.90
C PHE A 217 19.12 15.03 -2.18
N VAL A 218 18.65 14.18 -3.10
CA VAL A 218 19.18 14.08 -4.45
C VAL A 218 17.99 14.21 -5.40
N GLU A 219 18.29 14.38 -6.68
CA GLU A 219 17.28 14.68 -7.67
C GLU A 219 16.96 13.54 -8.60
N ASN A 220 17.77 12.48 -8.63
CA ASN A 220 17.47 11.28 -9.40
C ASN A 220 18.00 10.09 -8.61
N PHE A 221 17.73 8.88 -9.13
CA PHE A 221 18.19 7.68 -8.44
C PHE A 221 19.66 7.39 -8.71
N ASP A 222 20.18 7.80 -9.87
CA ASP A 222 21.60 7.56 -10.14
C ASP A 222 22.47 8.25 -9.10
N ASP A 223 22.13 9.49 -8.74
CA ASP A 223 22.89 10.21 -7.73
C ASP A 223 22.67 9.61 -6.33
N MET A 224 21.47 9.10 -6.09
CA MET A 224 21.19 8.39 -4.85
C MET A 224 22.12 7.20 -4.72
N LEU A 225 22.20 6.37 -5.75
CA LEU A 225 22.98 5.15 -5.69
C LEU A 225 24.47 5.43 -5.72
N ARG A 226 24.89 6.51 -6.38
CA ARG A 226 26.29 6.93 -6.29
C ARG A 226 26.67 7.21 -4.84
N LEU A 227 25.85 8.01 -4.14
CA LEU A 227 26.18 8.32 -2.76
C LEU A 227 26.14 7.06 -1.91
N VAL A 228 25.05 6.28 -2.02
CA VAL A 228 24.93 5.09 -1.20
C VAL A 228 26.09 4.13 -1.43
N GLU A 229 26.50 3.96 -2.69
CA GLU A 229 27.64 3.13 -3.02
C GLU A 229 28.95 3.69 -2.49
N ALA A 230 28.98 4.96 -2.08
CA ALA A 230 30.15 5.49 -1.39
C ALA A 230 29.99 5.56 0.14
N GLY A 231 29.01 4.85 0.71
CA GLY A 231 28.81 4.86 2.14
C GLY A 231 28.24 6.12 2.74
N VAL A 232 27.89 7.11 1.92
CA VAL A 232 27.32 8.35 2.44
C VAL A 232 26.12 8.05 3.35
N GLY A 233 25.18 7.27 2.86
CA GLY A 233 24.03 6.89 3.65
C GLY A 233 23.34 5.66 3.10
N TRP A 234 22.04 5.54 3.42
CA TRP A 234 21.17 4.49 2.92
C TRP A 234 20.03 5.12 2.14
N GLY A 235 19.31 4.30 1.36
CA GLY A 235 18.25 4.86 0.56
C GLY A 235 17.19 3.83 0.23
N ILE A 236 16.12 4.30 -0.40
CA ILE A 236 15.01 3.45 -0.84
C ILE A 236 14.94 3.58 -2.37
N ALA A 237 15.25 2.50 -3.07
CA ALA A 237 15.36 2.53 -4.52
C ALA A 237 14.48 1.46 -5.15
N PRO A 238 14.11 1.63 -6.42
CA PRO A 238 13.29 0.63 -7.11
C PRO A 238 14.10 -0.62 -7.41
N HIS A 239 13.37 -1.68 -7.73
CA HIS A 239 13.99 -2.96 -8.07
C HIS A 239 14.94 -2.82 -9.26
N TYR A 240 14.39 -2.41 -10.41
CA TYR A 240 15.17 -2.45 -11.64
C TYR A 240 16.47 -1.66 -11.54
N PHE A 241 16.50 -0.65 -10.67
CA PHE A 241 17.69 0.18 -10.58
C PHE A 241 18.84 -0.50 -9.86
N VAL A 242 18.54 -1.34 -8.86
CA VAL A 242 19.57 -1.84 -7.95
CA VAL A 242 19.57 -1.84 -7.96
C VAL A 242 19.79 -3.34 -8.07
N GLU A 243 18.83 -4.11 -8.61
CA GLU A 243 18.89 -5.57 -8.60
C GLU A 243 20.28 -6.08 -8.93
N GLU A 244 20.87 -5.56 -10.01
CA GLU A 244 22.12 -6.11 -10.54
C GLU A 244 23.25 -5.80 -9.53
N ARG A 245 23.31 -4.56 -9.04
CA ARG A 245 24.27 -4.17 -8.03
C ARG A 245 24.12 -4.92 -6.73
N LEU A 246 23.00 -5.60 -6.47
CA LEU A 246 22.99 -6.44 -5.30
C LEU A 246 23.33 -7.91 -5.59
N ARG A 247 22.88 -8.47 -6.71
CA ARG A 247 23.34 -9.81 -7.07
C ARG A 247 24.84 -9.79 -7.37
N ASN A 248 25.43 -8.59 -7.39
CA ASN A 248 26.86 -8.41 -7.63
C ASN A 248 27.64 -8.00 -6.38
N GLY A 249 26.98 -7.95 -5.22
CA GLY A 249 27.60 -7.51 -3.99
C GLY A 249 27.90 -6.04 -3.88
N THR A 250 27.72 -5.27 -4.95
CA THR A 250 28.02 -3.84 -4.89
C THR A 250 27.20 -3.15 -3.78
N LEU A 251 25.97 -3.60 -3.57
CA LEU A 251 25.03 -3.01 -2.63
C LEU A 251 24.39 -4.10 -1.79
N ALA A 252 23.64 -3.73 -0.74
CA ALA A 252 22.93 -4.71 0.10
C ALA A 252 21.46 -4.32 0.30
N VAL A 253 20.74 -5.14 1.08
CA VAL A 253 19.33 -4.90 1.39
C VAL A 253 19.13 -4.95 2.90
N LEU A 254 18.42 -3.95 3.43
CA LEU A 254 18.01 -3.94 4.84
C LEU A 254 16.51 -4.17 4.99
N SER A 255 15.81 -4.41 3.88
CA SER A 255 14.36 -4.54 3.87
C SER A 255 13.90 -5.98 3.83
N GLU A 256 14.78 -6.92 4.14
CA GLU A 256 14.40 -8.33 4.04
C GLU A 256 13.70 -8.84 5.29
N LEU A 257 13.55 -8.00 6.32
CA LEU A 257 12.67 -8.32 7.44
C LEU A 257 11.30 -7.66 7.30
N TYR A 258 11.26 -6.36 6.98
CA TYR A 258 10.00 -5.62 6.87
C TYR A 258 9.09 -6.26 5.84
N GLU A 259 9.50 -6.27 4.58
CA GLU A 259 8.77 -6.94 3.51
C GLU A 259 9.77 -7.78 2.73
N PRO A 260 9.99 -9.02 3.16
CA PRO A 260 10.82 -9.94 2.36
C PRO A 260 10.35 -9.95 0.91
N GLY A 261 11.29 -9.76 -0.01
CA GLY A 261 11.01 -9.73 -1.43
C GLY A 261 10.99 -8.34 -2.03
N GLY A 262 10.86 -7.30 -1.21
CA GLY A 262 10.74 -5.95 -1.70
C GLY A 262 9.50 -5.31 -1.14
N ILE A 263 9.47 -3.98 -1.07
CA ILE A 263 8.36 -3.26 -0.47
C ILE A 263 7.33 -3.05 -1.57
N ASP A 264 6.25 -3.82 -1.54
CA ASP A 264 5.28 -3.75 -2.62
C ASP A 264 4.55 -2.43 -2.52
N THR A 265 4.90 -1.50 -3.39
CA THR A 265 4.17 -0.24 -3.49
C THR A 265 3.16 -0.36 -4.62
N LYS A 266 2.01 0.26 -4.43
CA LYS A 266 1.03 0.35 -5.51
C LYS A 266 1.53 1.33 -6.58
N VAL A 267 1.11 1.09 -7.81
CA VAL A 267 1.35 1.99 -8.94
C VAL A 267 -0.01 2.53 -9.36
N TYR A 268 -0.16 3.85 -9.29
CA TYR A 268 -1.42 4.51 -9.52
C TYR A 268 -1.51 5.01 -10.95
N CYS A 269 -2.74 5.11 -11.46
CA CYS A 269 -3.04 5.69 -12.76
C CYS A 269 -4.04 6.81 -12.54
N TYR A 270 -3.68 8.00 -13.01
CA TYR A 270 -4.47 9.22 -12.82
C TYR A 270 -5.09 9.61 -14.15
N TYR A 271 -6.38 9.36 -14.31
CA TYR A 271 -7.02 9.73 -15.57
C TYR A 271 -7.65 11.10 -15.42
N ASN A 272 -7.46 11.94 -16.44
CA ASN A 272 -8.17 13.22 -16.47
C ASN A 272 -9.67 12.90 -16.49
N THR A 273 -10.44 13.62 -15.67
CA THR A 273 -11.86 13.30 -15.53
C THR A 273 -12.51 13.06 -16.89
N ALA A 274 -12.16 13.90 -17.88
CA ALA A 274 -12.77 13.80 -19.19
C ALA A 274 -12.61 12.42 -19.79
N LEU A 275 -11.44 11.81 -19.62
CA LEU A 275 -11.16 10.53 -20.25
C LEU A 275 -12.01 9.39 -19.70
N GLU A 276 -12.73 9.59 -18.60
CA GLU A 276 -13.51 8.48 -18.06
C GLU A 276 -14.54 7.97 -19.06
N SER A 277 -14.99 8.82 -19.98
CA SER A 277 -16.08 8.49 -20.89
C SER A 277 -15.61 8.00 -22.26
N GLU A 278 -14.31 7.87 -22.49
CA GLU A 278 -13.81 7.46 -23.80
C GLU A 278 -13.50 5.97 -23.72
N ARG A 279 -14.23 5.16 -24.51
CA ARG A 279 -14.04 3.71 -24.45
C ARG A 279 -12.58 3.31 -24.66
N SER A 280 -11.79 4.16 -25.31
CA SER A 280 -10.37 3.88 -25.50
C SER A 280 -9.64 3.78 -24.18
N PHE A 281 -9.83 4.77 -23.29
CA PHE A 281 -9.15 4.71 -21.99
C PHE A 281 -9.50 3.44 -21.22
N LEU A 282 -10.79 3.10 -21.16
CA LEU A 282 -11.22 1.92 -20.40
C LEU A 282 -10.62 0.65 -20.97
N ARG A 283 -10.61 0.52 -22.31
CA ARG A 283 -9.97 -0.65 -22.91
C ARG A 283 -8.48 -0.69 -22.60
N PHE A 284 -7.83 0.49 -22.59
CA PHE A 284 -6.43 0.56 -22.16
C PHE A 284 -6.28 0.00 -20.76
N LEU A 285 -7.10 0.48 -19.82
CA LEU A 285 -6.96 0.03 -18.44
C LEU A 285 -7.05 -1.49 -18.38
N GLU A 286 -8.07 -2.05 -19.04
CA GLU A 286 -8.25 -3.51 -19.00
C GLU A 286 -7.02 -4.23 -19.54
N SER A 287 -6.66 -3.97 -20.81
CA SER A 287 -5.59 -4.72 -21.45
C SER A 287 -4.28 -4.52 -20.72
N ALA A 288 -3.97 -3.27 -20.36
CA ALA A 288 -2.75 -3.03 -19.64
C ALA A 288 -2.74 -3.88 -18.39
N ARG A 289 -3.74 -3.69 -17.51
CA ARG A 289 -3.74 -4.38 -16.22
C ARG A 289 -3.49 -5.87 -16.37
N GLN A 290 -4.22 -6.51 -17.30
CA GLN A 290 -3.95 -7.94 -17.55
C GLN A 290 -2.46 -8.16 -17.83
N ARG A 291 -1.94 -7.48 -18.85
CA ARG A 291 -0.54 -7.68 -19.24
C ARG A 291 0.40 -7.50 -18.04
N LEU A 292 0.20 -6.43 -17.28
CA LEU A 292 1.03 -6.18 -16.11
C LEU A 292 0.98 -7.34 -15.12
N ARG A 293 -0.21 -7.86 -14.85
CA ARG A 293 -0.32 -9.01 -13.95
C ARG A 293 0.51 -10.18 -14.48
N GLU A 294 0.34 -10.46 -15.77
CA GLU A 294 1.03 -11.59 -16.39
C GLU A 294 2.53 -11.45 -16.25
N LEU A 295 3.04 -10.25 -16.53
CA LEU A 295 4.48 -10.01 -16.37
C LEU A 295 4.90 -10.13 -14.91
N GLY A 296 4.09 -9.58 -14.00
CA GLY A 296 4.46 -9.56 -12.60
C GLY A 296 4.75 -10.92 -12.02
N ARG A 297 3.82 -11.88 -12.24
CA ARG A 297 4.02 -13.19 -11.62
C ARG A 297 5.34 -13.82 -12.07
N GLN A 298 5.63 -13.74 -13.35
CA GLN A 298 6.88 -14.25 -13.92
C GLN A 298 8.13 -13.76 -13.18
N ARG B 93 7.88 -15.97 27.82
CA ARG B 93 6.94 -16.61 28.72
C ARG B 93 5.54 -16.68 28.10
N ASN B 94 4.62 -15.86 28.60
CA ASN B 94 3.25 -15.75 28.08
C ASN B 94 3.06 -14.55 27.17
N LEU B 95 2.12 -14.69 26.23
CA LEU B 95 1.93 -13.75 25.13
C LEU B 95 0.58 -13.06 25.21
N ARG B 96 0.56 -11.75 24.89
CA ARG B 96 -0.66 -11.03 24.58
C ARG B 96 -0.60 -10.59 23.12
N VAL B 97 -1.62 -10.97 22.34
CA VAL B 97 -1.57 -10.88 20.89
C VAL B 97 -2.85 -10.21 20.40
N LEU B 98 -2.71 -9.31 19.41
CA LEU B 98 -3.83 -8.56 18.87
C LEU B 98 -4.01 -8.83 17.38
N LEU B 99 -5.27 -8.93 16.96
CA LEU B 99 -5.64 -9.01 15.56
C LEU B 99 -6.86 -8.14 15.38
N ASP B 100 -6.92 -7.38 14.29
CA ASP B 100 -8.06 -6.51 14.08
C ASP B 100 -9.16 -7.26 13.35
N THR B 101 -10.33 -6.62 13.27
CA THR B 101 -11.48 -7.30 12.68
C THR B 101 -11.35 -7.49 11.18
N ALA B 102 -10.38 -6.85 10.54
CA ALA B 102 -10.15 -7.08 9.12
C ALA B 102 -9.26 -8.28 8.83
N ILE B 103 -8.51 -8.76 9.82
CA ILE B 103 -7.65 -9.93 9.65
C ILE B 103 -8.58 -11.12 9.52
N PRO B 104 -8.55 -11.84 8.40
CA PRO B 104 -9.54 -12.89 8.19
C PRO B 104 -9.47 -13.92 9.34
N PRO B 105 -10.61 -14.54 9.65
CA PRO B 105 -10.58 -15.53 10.75
C PRO B 105 -9.64 -16.70 10.47
N SER B 106 -9.64 -17.19 9.22
CA SER B 106 -8.80 -18.32 8.82
C SER B 106 -7.33 -18.05 9.15
N PHE B 107 -6.90 -16.80 8.94
CA PHE B 107 -5.56 -16.43 9.33
C PHE B 107 -5.38 -16.74 10.81
N CYS B 108 -6.28 -16.22 11.64
CA CYS B 108 -6.13 -16.36 13.08
C CYS B 108 -5.94 -17.83 13.42
N ASP B 109 -6.64 -18.71 12.72
CA ASP B 109 -6.52 -20.13 13.07
C ASP B 109 -5.12 -20.68 12.76
N THR B 110 -4.68 -20.54 11.50
CA THR B 110 -3.37 -21.12 11.16
C THR B 110 -2.27 -20.50 12.02
N VAL B 111 -2.31 -19.17 12.18
CA VAL B 111 -1.24 -18.56 12.94
C VAL B 111 -1.31 -19.16 14.35
N SER B 112 -2.49 -19.15 14.99
CA SER B 112 -2.66 -19.63 16.35
C SER B 112 -1.82 -20.88 16.56
N SER B 113 -2.02 -21.89 15.73
CA SER B 113 -1.25 -23.12 15.95
C SER B 113 0.26 -22.85 15.89
N VAL B 114 0.70 -22.11 14.86
CA VAL B 114 2.15 -21.94 14.73
C VAL B 114 2.71 -21.25 15.97
N LEU B 115 2.04 -20.19 16.44
CA LEU B 115 2.48 -19.56 17.68
C LEU B 115 2.55 -20.61 18.78
N LEU B 116 1.49 -21.40 18.91
CA LEU B 116 1.36 -22.30 20.05
C LEU B 116 2.51 -23.29 20.15
N ASP B 117 3.24 -23.51 19.07
CA ASP B 117 4.30 -24.52 19.17
C ASP B 117 5.34 -24.22 20.26
N ASP B 118 5.66 -22.95 20.54
CA ASP B 118 6.73 -22.62 21.48
C ASP B 118 6.34 -21.66 22.61
N PHE B 119 5.05 -21.48 22.89
CA PHE B 119 4.64 -20.62 23.99
C PHE B 119 3.67 -21.30 24.95
N ASN B 120 3.81 -20.93 26.23
CA ASN B 120 3.04 -21.53 27.30
C ASN B 120 1.67 -20.87 27.48
N MET B 121 1.51 -19.65 26.97
CA MET B 121 0.21 -18.97 26.96
C MET B 121 0.18 -17.97 25.83
N VAL B 122 -0.86 -18.04 24.99
CA VAL B 122 -1.08 -17.09 23.91
C VAL B 122 -2.51 -16.60 24.07
N SER B 123 -2.66 -15.31 24.37
CA SER B 123 -3.97 -14.68 24.57
C SER B 123 -4.28 -13.79 23.37
N LEU B 124 -5.44 -14.02 22.76
CA LEU B 124 -5.81 -13.35 21.51
C LEU B 124 -6.87 -12.30 21.76
N ILE B 125 -6.67 -11.11 21.16
CA ILE B 125 -7.57 -9.98 21.34
C ILE B 125 -8.01 -9.48 19.97
N ARG B 126 -9.28 -9.09 19.86
CA ARG B 126 -9.84 -8.56 18.62
C ARG B 126 -10.30 -7.14 18.87
N THR B 127 -9.99 -6.25 17.91
CA THR B 127 -10.43 -4.88 17.98
C THR B 127 -10.69 -4.36 16.57
N SER B 128 -11.61 -3.41 16.45
CA SER B 128 -11.80 -2.75 15.17
C SER B 128 -10.57 -1.90 14.84
N PRO B 129 -10.15 -1.88 13.57
CA PRO B 129 -8.84 -1.26 13.26
C PRO B 129 -8.61 0.12 13.88
N ALA B 130 -9.67 0.91 14.09
CA ALA B 130 -9.48 2.24 14.67
C ALA B 130 -8.87 2.14 16.07
N ASP B 131 -9.38 1.22 16.88
CA ASP B 131 -8.92 1.04 18.25
C ASP B 131 -7.71 0.12 18.36
N SER B 132 -7.25 -0.47 17.26
CA SER B 132 -6.15 -1.43 17.32
C SER B 132 -4.86 -0.75 17.79
N LEU B 133 -4.40 0.23 17.02
CA LEU B 133 -3.15 0.90 17.36
C LEU B 133 -3.27 1.58 18.72
N ALA B 134 -4.43 2.14 19.03
CA ALA B 134 -4.62 2.77 20.34
C ALA B 134 -4.45 1.74 21.45
N THR B 135 -5.02 0.54 21.28
CA THR B 135 -4.91 -0.46 22.33
C THR B 135 -3.46 -0.85 22.57
N ILE B 136 -2.72 -1.13 21.49
CA ILE B 136 -1.34 -1.55 21.74
C ILE B 136 -0.56 -0.41 22.38
N LYS B 137 -0.92 0.83 22.07
CA LYS B 137 -0.19 1.98 22.59
C LYS B 137 -0.36 2.09 24.11
N GLN B 138 -1.56 1.84 24.62
CA GLN B 138 -1.77 1.84 26.07
C GLN B 138 -0.75 0.95 26.76
N ASP B 139 0.11 1.56 27.60
CA ASP B 139 1.10 0.77 28.31
C ASP B 139 0.47 -0.16 29.33
N ASN B 140 -0.76 0.13 29.76
CA ASN B 140 -1.48 -0.73 30.68
C ASN B 140 -1.99 -2.00 30.00
N ALA B 141 -1.86 -2.09 28.68
CA ALA B 141 -2.39 -3.21 27.93
C ALA B 141 -1.39 -4.33 27.81
N GLU B 142 -0.09 -4.01 27.83
CA GLU B 142 0.96 -5.02 27.87
C GLU B 142 0.76 -5.98 26.69
N ILE B 143 0.71 -5.38 25.50
CA ILE B 143 0.59 -6.10 24.23
C ILE B 143 1.99 -6.43 23.72
N ASP B 144 2.22 -7.69 23.39
CA ASP B 144 3.51 -8.08 22.83
C ASP B 144 3.52 -8.09 21.29
N ILE B 145 2.44 -8.53 20.67
CA ILE B 145 2.35 -8.61 19.20
C ILE B 145 0.97 -8.12 18.79
N ALA B 146 0.93 -7.31 17.74
CA ALA B 146 -0.33 -6.81 17.21
C ALA B 146 -0.32 -6.95 15.70
N ILE B 147 -1.40 -7.49 15.15
CA ILE B 147 -1.49 -7.76 13.72
C ILE B 147 -2.66 -6.93 13.21
N THR B 148 -2.37 -5.84 12.52
CA THR B 148 -3.46 -4.99 12.04
C THR B 148 -3.07 -4.34 10.72
N ILE B 149 -4.02 -3.56 10.19
CA ILE B 149 -3.81 -2.88 8.91
C ILE B 149 -3.53 -1.39 9.09
N ASP B 150 -3.82 -0.82 10.27
CA ASP B 150 -3.57 0.59 10.50
C ASP B 150 -2.08 0.88 10.43
N GLU B 151 -1.72 2.02 9.84
CA GLU B 151 -0.33 2.39 9.67
C GLU B 151 -0.08 3.64 10.50
N GLU B 152 0.96 3.58 11.32
CA GLU B 152 1.48 4.74 12.04
C GLU B 152 2.93 4.40 12.36
N LEU B 153 3.86 5.12 11.76
CA LEU B 153 5.26 4.89 12.07
C LEU B 153 5.62 5.57 13.40
N LYS B 154 6.74 5.17 13.97
CA LYS B 154 7.25 5.74 15.21
C LYS B 154 6.46 5.30 16.43
N ILE B 155 5.88 4.11 16.37
CA ILE B 155 5.14 3.57 17.52
C ILE B 155 6.16 3.20 18.59
N SER B 156 6.00 3.79 19.78
CA SER B 156 7.00 3.60 20.82
C SER B 156 7.02 2.15 21.29
N ARG B 157 8.23 1.67 21.58
CA ARG B 157 8.47 0.34 22.15
C ARG B 157 8.09 -0.79 21.21
N PHE B 158 7.72 -0.48 19.97
CA PHE B 158 7.28 -1.52 19.02
C PHE B 158 7.94 -1.32 17.66
N ASN B 159 8.40 -2.42 17.06
CA ASN B 159 8.86 -2.43 15.67
C ASN B 159 7.78 -3.05 14.79
N GLN B 160 7.91 -2.86 13.48
CA GLN B 160 6.84 -3.18 12.54
C GLN B 160 7.41 -4.00 11.39
N CYS B 161 6.53 -4.82 10.81
CA CYS B 161 6.88 -5.60 9.64
C CYS B 161 5.62 -5.87 8.85
N VAL B 162 5.80 -6.23 7.59
CA VAL B 162 4.69 -6.55 6.71
C VAL B 162 4.52 -8.06 6.65
N LEU B 163 3.29 -8.51 6.86
CA LEU B 163 2.96 -9.92 6.86
C LEU B 163 2.31 -10.38 5.58
N GLY B 164 1.92 -9.48 4.71
CA GLY B 164 1.20 -9.89 3.54
C GLY B 164 0.16 -8.85 3.16
N TYR B 165 -0.91 -9.36 2.56
CA TYR B 165 -1.96 -8.52 1.99
C TYR B 165 -3.32 -9.10 2.32
N THR B 166 -4.31 -8.22 2.34
CA THR B 166 -5.71 -8.57 2.51
C THR B 166 -6.50 -7.67 1.58
N LYS B 167 -7.78 -8.04 1.34
CA LYS B 167 -8.57 -7.34 0.33
C LYS B 167 -9.85 -6.75 0.92
N ALA B 168 -10.31 -5.68 0.29
CA ALA B 168 -11.46 -4.92 0.78
C ALA B 168 -12.24 -4.37 -0.40
N PHE B 169 -13.54 -4.20 -0.21
CA PHE B 169 -14.41 -3.72 -1.27
C PHE B 169 -15.25 -2.54 -0.79
N VAL B 170 -15.46 -1.58 -1.67
CA VAL B 170 -16.48 -0.54 -1.51
C VAL B 170 -17.83 -1.16 -1.87
N VAL B 171 -18.73 -1.22 -0.89
CA VAL B 171 -20.04 -1.85 -1.04
C VAL B 171 -21.13 -0.81 -0.85
N ALA B 172 -22.29 -1.11 -1.44
CA ALA B 172 -23.48 -0.28 -1.38
C ALA B 172 -24.65 -1.09 -1.94
N HIS B 173 -25.86 -0.78 -1.50
CA HIS B 173 -27.04 -1.53 -1.92
C HIS B 173 -27.13 -1.54 -3.44
N PRO B 174 -27.61 -2.63 -4.04
CA PRO B 174 -27.61 -2.70 -5.51
C PRO B 174 -28.31 -1.51 -6.15
N GLN B 175 -29.31 -0.95 -5.49
CA GLN B 175 -30.06 0.18 -6.03
C GLN B 175 -29.57 1.53 -5.49
N HIS B 176 -28.36 1.58 -4.93
CA HIS B 176 -27.80 2.85 -4.49
C HIS B 176 -27.57 3.71 -5.74
N PRO B 177 -27.82 5.02 -5.65
CA PRO B 177 -27.63 5.87 -6.85
C PRO B 177 -26.32 5.60 -7.58
N LEU B 178 -25.21 5.67 -6.84
CA LEU B 178 -23.88 5.47 -7.41
C LEU B 178 -23.76 4.09 -8.04
N CYS B 179 -24.27 3.06 -7.35
CA CYS B 179 -24.19 1.71 -7.90
C CYS B 179 -24.69 1.67 -9.34
N ASN B 180 -25.76 2.41 -9.63
CA ASN B 180 -26.31 2.42 -10.99
C ASN B 180 -25.29 2.93 -11.99
N ALA B 181 -24.75 4.12 -11.78
CA ALA B 181 -23.73 4.63 -12.67
C ALA B 181 -22.55 3.67 -12.67
N SER B 182 -22.17 3.18 -13.86
CA SER B 182 -21.05 2.26 -13.95
C SER B 182 -19.73 2.99 -13.75
N LEU B 183 -19.75 4.31 -13.79
CA LEU B 183 -18.57 5.15 -13.58
C LEU B 183 -18.60 5.62 -12.13
N HIS B 184 -17.81 4.95 -11.28
CA HIS B 184 -17.73 5.27 -9.86
C HIS B 184 -16.37 5.89 -9.55
N SER B 185 -16.37 6.94 -8.72
CA SER B 185 -15.13 7.64 -8.41
C SER B 185 -15.18 8.27 -7.02
N ILE B 186 -13.99 8.58 -6.50
CA ILE B 186 -13.90 9.19 -5.17
C ILE B 186 -14.56 10.55 -5.16
N ALA B 187 -14.51 11.28 -6.28
CA ALA B 187 -15.22 12.54 -6.37
C ALA B 187 -16.73 12.31 -6.39
N SER B 188 -17.16 11.29 -7.13
CA SER B 188 -18.59 10.99 -7.19
C SER B 188 -19.13 10.51 -5.85
N LEU B 189 -18.30 9.81 -5.08
CA LEU B 189 -18.69 9.26 -3.79
C LEU B 189 -18.55 10.25 -2.65
N ALA B 190 -17.83 11.37 -2.87
CA ALA B 190 -17.64 12.34 -1.79
C ALA B 190 -18.92 13.05 -1.37
N ASN B 191 -19.91 13.17 -2.27
CA ASN B 191 -21.12 13.88 -1.91
C ASN B 191 -22.07 12.99 -1.12
N TYR B 192 -22.15 11.71 -1.49
CA TYR B 192 -23.04 10.76 -0.86
C TYR B 192 -22.46 10.29 0.48
N ARG B 193 -23.36 9.83 1.35
CA ARG B 193 -23.00 9.54 2.73
C ARG B 193 -22.25 8.22 2.84
N GLN B 194 -21.30 8.19 3.77
CA GLN B 194 -20.43 7.04 3.98
C GLN B 194 -20.71 6.39 5.33
N ILE B 195 -20.98 5.09 5.31
CA ILE B 195 -20.95 4.30 6.53
C ILE B 195 -19.50 3.92 6.80
N SER B 196 -18.96 4.37 7.93
CA SER B 196 -17.54 4.17 8.22
C SER B 196 -17.36 3.75 9.67
N LEU B 197 -16.18 3.21 9.98
CA LEU B 197 -15.86 2.85 11.35
C LEU B 197 -15.33 4.08 12.09
N GLY B 198 -15.51 4.09 13.42
CA GLY B 198 -15.06 5.19 14.23
C GLY B 198 -14.77 4.86 15.68
N SER B 205 -7.26 8.15 11.55
CA SER B 205 -6.05 7.71 10.88
C SER B 205 -6.22 7.86 9.37
N ASN B 206 -5.11 7.84 8.64
CA ASN B 206 -5.21 7.91 7.18
C ASN B 206 -6.14 6.82 6.66
N LEU B 207 -5.92 5.60 7.11
CA LEU B 207 -6.60 4.47 6.47
C LEU B 207 -8.10 4.55 6.66
N LEU B 208 -8.53 4.97 7.85
CA LEU B 208 -9.93 4.99 8.23
C LEU B 208 -10.54 6.37 8.14
N ARG B 209 -9.88 7.29 7.43
CA ARG B 209 -10.42 8.62 7.29
C ARG B 209 -11.72 8.59 6.51
N PRO B 210 -12.73 9.37 6.93
CA PRO B 210 -13.92 9.53 6.08
C PRO B 210 -13.59 10.36 4.85
N VAL B 211 -14.08 9.91 3.69
CA VAL B 211 -13.81 10.61 2.44
C VAL B 211 -14.87 11.65 2.12
N SER B 212 -15.99 11.64 2.83
CA SER B 212 -17.14 12.47 2.52
C SER B 212 -17.44 13.42 3.67
N ASP B 213 -18.09 14.54 3.32
CA ASP B 213 -18.49 15.51 4.33
C ASP B 213 -19.71 15.02 5.10
N LYS B 214 -20.53 14.18 4.47
CA LYS B 214 -21.71 13.58 5.09
C LYS B 214 -21.36 12.13 5.43
N VAL B 215 -21.24 11.81 6.72
CA VAL B 215 -20.73 10.52 7.16
C VAL B 215 -21.55 10.00 8.34
N LEU B 216 -21.43 8.69 8.58
CA LEU B 216 -22.10 8.05 9.70
C LEU B 216 -21.20 6.95 10.26
N PHE B 217 -20.86 7.09 11.54
CA PHE B 217 -19.91 6.22 12.23
C PHE B 217 -20.59 5.01 12.85
N VAL B 218 -19.89 3.87 12.82
CA VAL B 218 -20.24 2.67 13.57
C VAL B 218 -18.97 2.18 14.27
N GLU B 219 -19.13 1.20 15.17
CA GLU B 219 -18.02 0.71 15.96
C GLU B 219 -17.57 -0.70 15.57
N ASN B 220 -18.32 -1.39 14.72
CA ASN B 220 -17.94 -2.71 14.23
C ASN B 220 -18.36 -2.82 12.77
N PHE B 221 -17.96 -3.93 12.13
CA PHE B 221 -18.31 -4.15 10.73
C PHE B 221 -19.73 -4.68 10.58
N ASP B 222 -20.21 -5.44 11.57
CA ASP B 222 -21.57 -6.00 11.49
C ASP B 222 -22.62 -4.90 11.44
N ASP B 223 -22.50 -3.90 12.33
CA ASP B 223 -23.43 -2.79 12.33
C ASP B 223 -23.23 -1.90 11.10
N MET B 224 -22.03 -1.85 10.53
CA MET B 224 -21.84 -1.14 9.26
C MET B 224 -22.68 -1.77 8.17
N LEU B 225 -22.59 -3.10 8.02
CA LEU B 225 -23.28 -3.76 6.92
C LEU B 225 -24.78 -3.77 7.11
N ARG B 226 -25.29 -3.78 8.34
CA ARG B 226 -26.73 -3.65 8.50
C ARG B 226 -27.23 -2.37 7.80
N LEU B 227 -26.56 -1.25 8.08
CA LEU B 227 -27.00 0.02 7.51
C LEU B 227 -26.83 0.05 6.00
N VAL B 228 -25.64 -0.34 5.51
CA VAL B 228 -25.45 -0.31 4.06
C VAL B 228 -26.48 -1.19 3.38
N GLU B 229 -26.80 -2.34 3.98
CA GLU B 229 -27.85 -3.22 3.49
C GLU B 229 -29.22 -2.57 3.58
N ALA B 230 -29.33 -1.47 4.34
CA ALA B 230 -30.55 -0.68 4.33
C ALA B 230 -30.43 0.56 3.41
N GLY B 231 -29.46 0.55 2.50
CA GLY B 231 -29.31 1.65 1.56
C GLY B 231 -28.86 2.95 2.18
N VAL B 232 -28.57 2.96 3.48
CA VAL B 232 -28.19 4.19 4.18
C VAL B 232 -27.06 4.89 3.44
N GLY B 233 -26.00 4.17 3.15
CA GLY B 233 -24.87 4.72 2.42
C GLY B 233 -24.04 3.61 1.84
N TRP B 234 -22.75 3.91 1.62
CA TRP B 234 -21.76 2.95 1.14
C TRP B 234 -20.68 2.80 2.20
N GLY B 235 -19.89 1.74 2.07
CA GLY B 235 -18.87 1.46 3.07
C GLY B 235 -17.76 0.63 2.49
N ILE B 236 -16.73 0.40 3.31
CA ILE B 236 -15.60 -0.44 2.92
C ILE B 236 -15.55 -1.64 3.86
N ALA B 237 -15.69 -2.82 3.29
CA ALA B 237 -15.74 -4.05 4.10
C ALA B 237 -14.66 -5.03 3.68
N PRO B 238 -14.28 -5.94 4.58
CA PRO B 238 -13.35 -7.01 4.20
C PRO B 238 -14.05 -8.08 3.36
N HIS B 239 -13.23 -8.85 2.64
CA HIS B 239 -13.79 -9.96 1.85
C HIS B 239 -14.55 -10.92 2.76
N TYR B 240 -13.91 -11.38 3.84
CA TYR B 240 -14.51 -12.41 4.69
C TYR B 240 -15.90 -12.01 5.16
N PHE B 241 -16.19 -10.71 5.26
CA PHE B 241 -17.52 -10.30 5.67
C PHE B 241 -18.54 -10.44 4.53
N VAL B 242 -18.15 -10.16 3.28
CA VAL B 242 -19.13 -9.96 2.22
C VAL B 242 -19.05 -11.01 1.12
N GLU B 243 -18.20 -12.04 1.25
CA GLU B 243 -18.11 -13.02 0.17
C GLU B 243 -19.48 -13.64 -0.10
N GLU B 244 -20.16 -14.08 0.96
CA GLU B 244 -21.45 -14.75 0.77
C GLU B 244 -22.51 -13.73 0.36
N ARG B 245 -22.54 -12.59 1.04
CA ARG B 245 -23.51 -11.53 0.73
C ARG B 245 -23.33 -10.92 -0.65
N LEU B 246 -22.23 -11.18 -1.33
CA LEU B 246 -22.09 -10.81 -2.74
C LEU B 246 -22.43 -11.97 -3.67
N ARG B 247 -22.07 -13.20 -3.28
CA ARG B 247 -22.52 -14.39 -3.98
C ARG B 247 -24.04 -14.52 -3.85
N ASN B 248 -24.67 -13.63 -3.09
CA ASN B 248 -26.12 -13.61 -2.95
C ASN B 248 -26.77 -12.45 -3.71
N GLY B 249 -25.98 -11.62 -4.39
CA GLY B 249 -26.53 -10.45 -5.04
C GLY B 249 -27.04 -9.38 -4.11
N THR B 250 -27.04 -9.64 -2.80
CA THR B 250 -27.58 -8.67 -1.84
C THR B 250 -26.87 -7.33 -1.93
N LEU B 251 -25.56 -7.33 -2.15
CA LEU B 251 -24.76 -6.12 -2.10
C LEU B 251 -23.89 -6.06 -3.36
N ALA B 252 -23.34 -4.87 -3.60
CA ALA B 252 -22.60 -4.60 -4.81
C ALA B 252 -21.20 -4.12 -4.48
N VAL B 253 -20.42 -3.84 -5.53
CA VAL B 253 -19.06 -3.34 -5.38
C VAL B 253 -18.89 -2.13 -6.28
N LEU B 254 -18.31 -1.06 -5.72
CA LEU B 254 -17.93 0.12 -6.46
C LEU B 254 -16.43 0.21 -6.65
N SER B 255 -15.70 -0.84 -6.24
CA SER B 255 -14.25 -0.84 -6.33
C SER B 255 -13.74 -1.63 -7.52
N GLU B 256 -14.59 -1.92 -8.50
CA GLU B 256 -14.15 -2.73 -9.63
C GLU B 256 -13.46 -1.91 -10.70
N LEU B 257 -13.55 -0.58 -10.63
CA LEU B 257 -12.74 0.26 -11.49
C LEU B 257 -11.45 0.65 -10.78
N TYR B 258 -11.57 1.11 -9.53
CA TYR B 258 -10.40 1.53 -8.78
C TYR B 258 -9.38 0.42 -8.66
N GLU B 259 -9.76 -0.67 -8.00
CA GLU B 259 -8.90 -1.87 -7.90
C GLU B 259 -9.74 -3.08 -8.27
N PRO B 260 -9.76 -3.45 -9.55
CA PRO B 260 -10.44 -4.69 -9.95
C PRO B 260 -9.96 -5.84 -9.08
N GLY B 261 -10.91 -6.57 -8.49
CA GLY B 261 -10.63 -7.66 -7.60
C GLY B 261 -10.75 -7.30 -6.14
N GLY B 262 -10.69 -6.01 -5.81
CA GLY B 262 -10.68 -5.57 -4.43
C GLY B 262 -9.48 -4.71 -4.13
N ILE B 263 -9.57 -3.87 -3.10
CA ILE B 263 -8.50 -2.94 -2.78
C ILE B 263 -7.55 -3.60 -1.77
N ASP B 264 -6.35 -3.94 -2.24
CA ASP B 264 -5.34 -4.68 -1.48
C ASP B 264 -4.66 -3.78 -0.45
N THR B 265 -4.94 -4.00 0.83
CA THR B 265 -4.22 -3.35 1.91
C THR B 265 -3.13 -4.27 2.45
N LYS B 266 -2.02 -3.66 2.86
CA LYS B 266 -0.96 -4.40 3.53
C LYS B 266 -1.43 -4.81 4.92
N VAL B 267 -0.89 -5.92 5.42
CA VAL B 267 -1.15 -6.37 6.79
C VAL B 267 0.15 -6.27 7.56
N TYR B 268 0.19 -5.40 8.57
CA TYR B 268 1.40 -5.15 9.36
C TYR B 268 1.35 -5.91 10.68
N CYS B 269 2.53 -6.23 11.19
CA CYS B 269 2.68 -6.79 12.53
C CYS B 269 3.62 -5.93 13.34
N TYR B 270 3.15 -5.49 14.50
CA TYR B 270 3.87 -4.62 15.41
C TYR B 270 4.32 -5.49 16.58
N TYR B 271 5.60 -5.84 16.59
CA TYR B 271 6.18 -6.68 17.64
C TYR B 271 6.97 -5.87 18.65
N ASN B 272 6.89 -6.26 19.93
CA ASN B 272 7.74 -5.66 20.94
C ASN B 272 9.21 -5.94 20.62
N THR B 273 10.04 -4.89 20.73
CA THR B 273 11.43 -4.98 20.31
C THR B 273 12.10 -6.24 20.82
N ALA B 274 11.83 -6.63 22.07
CA ALA B 274 12.50 -7.78 22.66
C ALA B 274 12.33 -9.02 21.80
N LEU B 275 11.13 -9.21 21.24
CA LEU B 275 10.83 -10.43 20.50
C LEU B 275 11.71 -10.58 19.27
N GLU B 276 12.48 -9.56 18.90
CA GLU B 276 13.38 -9.68 17.77
C GLU B 276 14.39 -10.82 17.97
N SER B 277 14.62 -11.24 19.22
CA SER B 277 15.68 -12.19 19.50
C SER B 277 15.21 -13.65 19.51
N GLU B 278 13.95 -13.95 19.19
CA GLU B 278 13.41 -15.30 19.31
C GLU B 278 13.16 -15.96 17.95
N ARG B 279 13.80 -17.12 17.72
CA ARG B 279 13.50 -17.88 16.51
C ARG B 279 12.03 -18.29 16.45
N SER B 280 11.35 -18.35 17.59
CA SER B 280 9.94 -18.68 17.61
C SER B 280 9.15 -17.65 16.81
N PHE B 281 9.38 -16.37 17.11
CA PHE B 281 8.79 -15.30 16.33
C PHE B 281 9.14 -15.44 14.86
N LEU B 282 10.39 -15.75 14.54
CA LEU B 282 10.81 -15.78 13.15
C LEU B 282 10.03 -16.84 12.38
N ARG B 283 9.92 -18.05 12.95
CA ARG B 283 9.11 -19.08 12.30
C ARG B 283 7.65 -18.67 12.24
N PHE B 284 7.16 -17.95 13.26
CA PHE B 284 5.81 -17.42 13.21
C PHE B 284 5.62 -16.55 11.96
N LEU B 285 6.47 -15.53 11.77
CA LEU B 285 6.29 -14.65 10.63
C LEU B 285 6.37 -15.43 9.32
N GLU B 286 7.34 -16.32 9.21
CA GLU B 286 7.48 -17.08 7.97
C GLU B 286 6.16 -17.77 7.63
N SER B 287 5.69 -18.64 8.55
CA SER B 287 4.50 -19.42 8.27
C SER B 287 3.31 -18.51 8.05
N ALA B 288 3.20 -17.44 8.84
CA ALA B 288 2.09 -16.51 8.68
C ALA B 288 2.09 -15.93 7.27
N ARG B 289 3.18 -15.29 6.86
CA ARG B 289 3.26 -14.69 5.54
C ARG B 289 2.81 -15.68 4.48
N GLN B 290 3.28 -16.93 4.58
CA GLN B 290 2.76 -17.97 3.67
C GLN B 290 1.24 -18.03 3.74
N ARG B 291 0.71 -18.29 4.94
CA ARG B 291 -0.71 -18.50 5.10
C ARG B 291 -1.49 -17.43 4.37
N LEU B 292 -1.11 -16.17 4.61
CA LEU B 292 -1.79 -15.06 3.94
C LEU B 292 -1.67 -15.16 2.43
N ARG B 293 -0.47 -15.49 1.93
CA ARG B 293 -0.33 -15.60 0.48
C ARG B 293 -1.32 -16.62 -0.09
N GLU B 294 -1.41 -17.79 0.53
CA GLU B 294 -2.31 -18.84 0.04
C GLU B 294 -3.77 -18.43 0.21
N LEU B 295 -4.14 -17.88 1.36
CA LEU B 295 -5.53 -17.48 1.58
C LEU B 295 -5.96 -16.46 0.53
N GLY B 296 -5.09 -15.49 0.23
CA GLY B 296 -5.42 -14.52 -0.79
C GLY B 296 -5.66 -15.17 -2.15
N ARG B 297 -4.69 -15.97 -2.60
CA ARG B 297 -4.76 -16.60 -3.91
C ARG B 297 -5.99 -17.49 -4.05
#